data_8TI4
#
_entry.id   8TI4
#
_cell.length_a   71.269
_cell.length_b   78.815
_cell.length_c   80.925
_cell.angle_alpha   90.000
_cell.angle_beta   90.000
_cell.angle_gamma   90.000
#
_symmetry.space_group_name_H-M   'P 21 21 21'
#
loop_
_entity.id
_entity.type
_entity.pdbx_description
1 polymer 'IgG1 Fab heavy chain, mutated to promote correct pairing'
2 polymer 'IgG1 Fab light chain, mutated for better pairing with cognate heavy chain'
3 non-polymer GLYCEROL
4 water water
#
loop_
_entity_poly.entity_id
_entity_poly.type
_entity_poly.pdbx_seq_one_letter_code
_entity_poly.pdbx_strand_id
1 'polypeptide(L)'
;EVQLVESGGGLVQPGGSLRLSCAASGFNIKDTYIHWVRQAPGKGLEWVARIYPTNGYTRYADSVKGRFTISADTSKNTAY
LQMNSLRAEDTAVYYCSRWGGDGFYAMDYWGQGTLVTVSSASTKGPSVCPLAPSSKSTSGGTAELGCLVKDYFPEPVTVS
WNSGALTSGVHTFPAVLQSSGLYSLSSVVTVPSSSLGTQTYICNVNHKPSNTKVDKRVEPKSVD
;
H
2 'polypeptide(L)'
;DIQMTQSPSSLSASVGDRVTITCRASQDVNTAVAWYQQKPGKAPKLLIYSASFLYSGVPSRFSGSRSGTDFTLTISSLQP
EDFATYYCQQHYTTPPTFGQGTKVEIKGQPKAAPSVRLFPPCSEELQANKATLVCLISDFYPGAVTVAWKADSSPVKAGV
ETTTPSKQSNNKYAASSYLSLTPEQWKSHRSYSCQVTHEGSTVEKTVAPTEVS
;
L
#
loop_
_chem_comp.id
_chem_comp.type
_chem_comp.name
_chem_comp.formula
GOL non-polymer GLYCEROL 'C3 H8 O3'
#
# COMPACT_ATOMS: atom_id res chain seq x y z
N GLU A 1 29.98 -2.90 4.41
CA GLU A 1 30.01 -1.45 4.70
C GLU A 1 28.97 -1.15 5.78
N VAL A 2 28.42 0.06 5.77
CA VAL A 2 27.40 0.49 6.72
C VAL A 2 26.12 -0.31 6.49
N GLN A 3 25.54 -0.82 7.58
CA GLN A 3 24.24 -1.46 7.55
C GLN A 3 23.48 -1.14 8.84
N LEU A 4 22.15 -1.07 8.69
CA LEU A 4 21.19 -0.94 9.79
C LEU A 4 20.13 -2.01 9.59
N VAL A 5 20.02 -2.93 10.54
CA VAL A 5 19.03 -3.99 10.50
C VAL A 5 18.01 -3.78 11.61
N GLU A 6 16.73 -3.87 11.28
CA GLU A 6 15.73 -3.66 12.31
C GLU A 6 15.02 -4.97 12.58
N SER A 7 14.41 -5.05 13.76
CA SER A 7 13.55 -6.17 14.08
C SER A 7 12.56 -5.74 15.15
N GLY A 8 11.45 -6.47 15.24
CA GLY A 8 10.52 -6.37 16.35
C GLY A 8 9.12 -5.95 15.95
N GLY A 9 8.86 -5.79 14.65
CA GLY A 9 7.53 -5.40 14.21
C GLY A 9 6.47 -6.41 14.61
N GLY A 10 5.21 -6.06 14.42
CA GLY A 10 4.18 -7.04 14.68
C GLY A 10 2.79 -6.43 14.60
N LEU A 11 1.79 -7.30 14.84
CA LEU A 11 0.42 -6.89 15.07
C LEU A 11 0.20 -6.77 16.57
N VAL A 12 -0.37 -5.64 17.00
CA VAL A 12 -0.68 -5.39 18.39
C VAL A 12 -2.00 -4.64 18.46
N GLN A 13 -2.58 -4.61 19.66
CA GLN A 13 -3.86 -3.98 19.90
C GLN A 13 -3.64 -2.63 20.56
N PRO A 14 -4.56 -1.64 20.41
CA PRO A 14 -4.40 -0.33 21.03
C PRO A 14 -4.14 -0.49 22.52
N GLY A 15 -3.26 0.37 23.06
CA GLY A 15 -2.85 0.32 24.45
C GLY A 15 -1.68 -0.61 24.66
N GLY A 16 -1.42 -1.51 23.68
CA GLY A 16 -0.33 -2.48 23.79
C GLY A 16 1.04 -1.84 23.65
N SER A 17 2.07 -2.69 23.67
CA SER A 17 3.46 -2.26 23.67
C SER A 17 4.30 -3.12 22.73
N LEU A 18 5.32 -2.50 22.13
CA LEU A 18 6.23 -3.20 21.23
C LEU A 18 7.59 -2.52 21.33
N ARG A 19 8.65 -3.30 21.11
CA ARG A 19 10.01 -2.79 21.13
C ARG A 19 10.67 -3.09 19.80
N LEU A 20 11.27 -2.07 19.17
CA LEU A 20 12.04 -2.28 17.95
C LEU A 20 13.53 -2.12 18.28
N SER A 21 14.34 -2.83 17.49
CA SER A 21 15.78 -2.81 17.57
C SER A 21 16.34 -2.34 16.24
N CYS A 22 17.50 -1.69 16.31
CA CYS A 22 18.19 -1.24 15.12
C CYS A 22 19.68 -1.51 15.32
N ALA A 23 20.17 -2.60 14.72
CA ALA A 23 21.55 -3.02 14.91
C ALA A 23 22.42 -2.46 13.80
N ALA A 24 23.46 -1.73 14.19
CA ALA A 24 24.37 -1.09 13.28
C ALA A 24 25.59 -1.98 13.09
N SER A 25 26.10 -2.03 11.85
CA SER A 25 27.42 -2.58 11.59
C SER A 25 28.12 -1.72 10.56
N GLY A 26 29.46 -1.72 10.63
CA GLY A 26 30.31 -1.04 9.67
C GLY A 26 30.55 0.42 10.05
N PHE A 27 30.14 0.77 11.26
CA PHE A 27 30.50 2.06 11.84
C PHE A 27 30.07 1.99 13.30
N ASN A 28 30.41 3.07 14.00
CA ASN A 28 30.17 3.18 15.43
C ASN A 28 29.09 4.24 15.64
N ILE A 29 27.98 3.86 16.30
CA ILE A 29 26.81 4.73 16.48
C ILE A 29 27.16 5.90 17.40
N LYS A 30 28.33 5.85 18.06
CA LYS A 30 28.81 6.96 18.89
C LYS A 30 29.13 8.18 18.03
N ASP A 31 29.51 7.94 16.77
CA ASP A 31 29.95 9.00 15.87
C ASP A 31 28.77 9.81 15.31
N THR A 32 27.52 9.41 15.61
CA THR A 32 26.42 9.97 14.83
C THR A 32 25.08 9.91 15.57
N TYR A 33 24.04 10.47 14.93
CA TYR A 33 22.70 10.46 15.49
C TYR A 33 21.93 9.36 14.78
N ILE A 34 21.10 8.66 15.57
CA ILE A 34 20.27 7.58 15.05
C ILE A 34 18.84 8.06 15.12
N HIS A 35 18.07 7.76 14.09
CA HIS A 35 16.70 8.23 14.01
C HIS A 35 15.75 7.07 13.72
N TRP A 36 14.49 7.23 14.19
CA TRP A 36 13.38 6.46 13.68
C TRP A 36 12.45 7.34 12.82
N VAL A 37 12.03 6.81 11.66
CA VAL A 37 11.14 7.46 10.73
C VAL A 37 10.10 6.43 10.31
N ARG A 38 8.81 6.80 10.26
CA ARG A 38 7.77 5.86 9.89
C ARG A 38 7.00 6.28 8.64
N GLN A 39 6.41 5.27 7.99
CA GLN A 39 5.63 5.44 6.78
C GLN A 39 4.34 4.62 6.89
N ALA A 40 3.21 5.31 7.04
CA ALA A 40 1.92 4.65 7.08
C ALA A 40 1.59 4.08 5.70
N PRO A 41 0.80 2.97 5.61
CA PRO A 41 0.50 2.36 4.31
C PRO A 41 -0.03 3.40 3.32
N GLY A 42 0.62 3.49 2.16
CA GLY A 42 0.21 4.38 1.10
C GLY A 42 0.56 5.85 1.35
N LYS A 43 1.27 6.16 2.43
CA LYS A 43 1.53 7.55 2.80
C LYS A 43 3.03 7.83 2.76
N GLY A 44 3.37 9.05 3.17
CA GLY A 44 4.74 9.55 3.17
C GLY A 44 5.52 9.22 4.45
N LEU A 45 6.57 10.01 4.68
CA LEU A 45 7.54 9.76 5.72
C LEU A 45 7.31 10.74 6.86
N GLU A 46 7.34 10.24 8.11
CA GLU A 46 7.17 11.07 9.28
C GLU A 46 8.29 10.73 10.28
N TRP A 47 9.07 11.74 10.64
CA TRP A 47 10.10 11.55 11.67
C TRP A 47 9.47 11.31 13.05
N VAL A 48 10.04 10.36 13.81
CA VAL A 48 9.48 9.97 15.10
C VAL A 48 10.39 10.41 16.27
N ALA A 49 11.70 10.13 16.17
CA ALA A 49 12.60 10.38 17.29
C ALA A 49 14.05 10.29 16.83
N ARG A 50 14.93 10.70 17.74
CA ARG A 50 16.34 10.75 17.48
C ARG A 50 17.10 10.68 18.80
N ILE A 51 18.32 10.13 18.72
CA ILE A 51 19.18 9.97 19.86
C ILE A 51 20.62 10.18 19.40
N TYR A 52 21.40 10.84 20.28
CA TYR A 52 22.84 10.85 20.17
C TYR A 52 23.43 9.85 21.17
N PRO A 53 23.82 8.64 20.75
CA PRO A 53 24.25 7.60 21.70
C PRO A 53 25.44 7.95 22.59
N THR A 54 26.32 8.85 22.12
CA THR A 54 27.44 9.35 22.90
C THR A 54 27.00 9.92 24.25
N ASN A 55 25.89 10.66 24.32
CA ASN A 55 25.47 11.26 25.58
C ASN A 55 24.03 10.92 25.97
N GLY A 56 23.30 10.12 25.18
CA GLY A 56 21.93 9.72 25.53
C GLY A 56 20.84 10.75 25.18
N TYR A 57 21.23 11.91 24.62
CA TYR A 57 20.29 12.99 24.38
C TYR A 57 19.30 12.59 23.29
N THR A 58 18.01 12.90 23.52
CA THR A 58 16.90 12.46 22.69
C THR A 58 16.04 13.65 22.26
N ARG A 59 15.35 13.47 21.14
CA ARG A 59 14.30 14.39 20.69
C ARG A 59 13.16 13.54 20.14
N TYR A 60 11.92 14.04 20.28
CA TYR A 60 10.75 13.30 19.80
C TYR A 60 9.81 14.21 19.02
N ALA A 61 9.04 13.63 18.10
CA ALA A 61 7.88 14.30 17.55
C ALA A 61 6.79 14.34 18.61
N ASP A 62 5.91 15.33 18.51
CA ASP A 62 4.90 15.54 19.54
C ASP A 62 3.91 14.39 19.52
N SER A 63 3.69 13.81 18.34
CA SER A 63 2.71 12.74 18.23
C SER A 63 3.10 11.50 19.04
N VAL A 64 4.34 11.38 19.53
CA VAL A 64 4.74 10.19 20.25
C VAL A 64 5.23 10.50 21.66
N LYS A 65 5.35 11.79 22.02
CA LYS A 65 5.92 12.16 23.31
C LYS A 65 5.13 11.54 24.46
N GLY A 66 5.87 10.96 25.41
CA GLY A 66 5.28 10.33 26.59
C GLY A 66 4.80 8.91 26.31
N ARG A 67 4.98 8.43 25.07
CA ARG A 67 4.49 7.12 24.65
C ARG A 67 5.67 6.26 24.25
N PHE A 68 6.56 6.82 23.41
CA PHE A 68 7.68 6.10 22.83
C PHE A 68 8.96 6.58 23.48
N THR A 69 9.88 5.65 23.73
CA THR A 69 11.21 5.96 24.23
C THR A 69 12.27 5.49 23.25
N ILE A 70 13.12 6.41 22.79
CA ILE A 70 14.29 6.00 22.01
C ILE A 70 15.47 5.84 22.95
N SER A 71 16.24 4.76 22.78
CA SER A 71 17.46 4.58 23.56
C SER A 71 18.54 3.87 22.73
N ALA A 72 19.75 3.81 23.27
CA ALA A 72 20.83 3.15 22.58
C ALA A 72 21.70 2.36 23.56
N ASP A 73 22.34 1.30 23.08
CA ASP A 73 23.39 0.62 23.82
C ASP A 73 24.65 0.59 22.95
N THR A 74 25.63 1.46 23.28
CA THR A 74 26.84 1.58 22.48
C THR A 74 27.64 0.26 22.47
N SER A 75 27.62 -0.49 23.58
CA SER A 75 28.41 -1.71 23.65
C SER A 75 27.80 -2.77 22.74
N LYS A 76 26.52 -2.60 22.35
CA LYS A 76 25.87 -3.49 21.40
C LYS A 76 25.70 -2.83 20.02
N ASN A 77 26.19 -1.59 19.88
CA ASN A 77 26.04 -0.81 18.65
C ASN A 77 24.58 -0.86 18.17
N THR A 78 23.63 -0.65 19.07
CA THR A 78 22.23 -0.89 18.77
C THR A 78 21.35 0.20 19.39
N ALA A 79 20.35 0.67 18.62
CA ALA A 79 19.36 1.63 19.10
C ALA A 79 18.00 0.96 19.17
N TYR A 80 17.10 1.49 19.99
CA TYR A 80 15.85 0.83 20.32
C TYR A 80 14.72 1.85 20.28
N LEU A 81 13.52 1.41 19.92
CA LEU A 81 12.33 2.23 20.12
C LEU A 81 11.33 1.42 20.93
N GLN A 82 11.13 1.85 22.18
CA GLN A 82 10.12 1.30 23.08
C GLN A 82 8.80 2.00 22.81
N MET A 83 7.85 1.29 22.23
CA MET A 83 6.58 1.90 21.82
C MET A 83 5.50 1.43 22.79
N ASN A 84 5.03 2.32 23.67
CA ASN A 84 3.96 2.01 24.60
C ASN A 84 2.71 2.77 24.17
N SER A 85 1.59 2.46 24.81
CA SER A 85 0.35 3.18 24.61
C SER A 85 0.04 3.34 23.13
N LEU A 86 0.14 2.20 22.43
CA LEU A 86 0.02 2.19 20.98
C LEU A 86 -1.40 2.54 20.56
N ARG A 87 -1.50 3.27 19.44
CA ARG A 87 -2.76 3.68 18.85
C ARG A 87 -2.81 3.17 17.40
N ALA A 88 -4.01 3.02 16.87
CA ALA A 88 -4.21 2.67 15.46
C ALA A 88 -3.33 3.54 14.54
N GLU A 89 -3.17 4.82 14.89
CA GLU A 89 -2.52 5.79 14.03
C GLU A 89 -1.01 5.55 13.96
N ASP A 90 -0.46 4.73 14.88
CA ASP A 90 0.94 4.39 14.88
C ASP A 90 1.28 3.33 13.83
N THR A 91 0.24 2.72 13.23
CA THR A 91 0.37 1.69 12.21
C THR A 91 1.29 2.18 11.08
N ALA A 92 2.41 1.50 10.83
CA ALA A 92 3.34 1.97 9.80
C ALA A 92 4.51 1.01 9.64
N VAL A 93 5.25 1.23 8.55
CA VAL A 93 6.60 0.69 8.48
C VAL A 93 7.54 1.65 9.22
N TYR A 94 8.31 1.11 10.17
CA TYR A 94 9.25 1.88 10.95
C TYR A 94 10.67 1.63 10.45
N TYR A 95 11.31 2.71 10.03
CA TYR A 95 12.69 2.68 9.57
C TYR A 95 13.54 3.31 10.65
N CYS A 96 14.75 2.77 10.89
CA CYS A 96 15.80 3.58 11.47
C CYS A 96 16.74 4.07 10.37
N SER A 97 17.42 5.16 10.69
CA SER A 97 18.29 5.84 9.77
C SER A 97 19.34 6.52 10.62
N ARG A 98 20.43 6.95 9.99
CA ARG A 98 21.44 7.76 10.67
C ARG A 98 21.69 9.06 9.91
N TRP A 99 22.11 10.09 10.63
CA TRP A 99 22.78 11.23 10.03
C TRP A 99 24.18 10.82 9.55
N GLY A 100 24.65 11.46 8.48
CA GLY A 100 26.00 11.24 7.98
C GLY A 100 27.05 11.29 9.09
N GLY A 101 27.04 12.38 9.88
CA GLY A 101 28.06 12.64 10.91
C GLY A 101 28.72 14.01 10.71
N ASP A 102 28.91 14.74 11.82
CA ASP A 102 29.41 16.11 11.80
C ASP A 102 28.23 17.04 11.44
N GLY A 103 28.41 17.92 10.44
CA GLY A 103 27.33 18.79 9.99
C GLY A 103 26.33 18.05 9.10
N PHE A 104 26.78 16.93 8.51
CA PHE A 104 26.03 16.11 7.57
C PHE A 104 24.72 15.62 8.23
N TYR A 105 23.66 16.43 8.12
CA TYR A 105 22.37 16.14 8.74
C TYR A 105 21.37 15.52 7.74
N ALA A 106 21.86 14.94 6.64
CA ALA A 106 21.05 14.10 5.77
C ALA A 106 21.15 12.65 6.24
N MET A 107 20.12 11.87 5.91
CA MET A 107 20.01 10.49 6.34
C MET A 107 20.53 9.56 5.25
N ASP A 108 21.83 9.24 5.31
CA ASP A 108 22.53 8.59 4.22
C ASP A 108 22.33 7.07 4.23
N TYR A 109 21.94 6.48 5.35
CA TYR A 109 21.68 5.05 5.42
C TYR A 109 20.41 4.80 6.22
N TRP A 110 19.59 3.89 5.69
CA TRP A 110 18.32 3.48 6.28
C TRP A 110 18.30 1.98 6.39
N GLY A 111 17.69 1.45 7.46
CA GLY A 111 17.38 0.04 7.51
C GLY A 111 16.27 -0.33 6.53
N GLN A 112 15.93 -1.61 6.48
CA GLN A 112 15.00 -2.13 5.49
C GLN A 112 13.57 -1.92 5.98
N GLY A 113 13.36 -1.53 7.24
CA GLY A 113 12.03 -1.21 7.73
C GLY A 113 11.35 -2.42 8.36
N THR A 114 10.41 -2.19 9.29
CA THR A 114 9.68 -3.27 9.97
C THR A 114 8.24 -2.82 10.21
N LEU A 115 7.28 -3.69 9.85
CA LEU A 115 5.89 -3.33 9.85
C LEU A 115 5.34 -3.43 11.28
N VAL A 116 4.59 -2.39 11.67
CA VAL A 116 3.86 -2.39 12.94
C VAL A 116 2.42 -2.08 12.60
N THR A 117 1.54 -3.03 12.94
CA THR A 117 0.11 -2.84 12.77
C THR A 117 -0.58 -2.79 14.13
N VAL A 118 -1.36 -1.74 14.33
CA VAL A 118 -2.14 -1.57 15.56
C VAL A 118 -3.61 -1.62 15.21
N SER A 119 -4.32 -2.65 15.71
CA SER A 119 -5.74 -2.78 15.43
C SER A 119 -6.49 -3.40 16.60
N SER A 120 -7.69 -2.90 16.84
CA SER A 120 -8.55 -3.42 17.88
C SER A 120 -9.41 -4.56 17.34
N ALA A 121 -9.32 -4.90 16.04
CA ALA A 121 -10.10 -6.02 15.54
C ALA A 121 -9.56 -7.30 16.17
N SER A 122 -10.42 -8.30 16.33
CA SER A 122 -9.97 -9.57 16.87
C SER A 122 -10.12 -10.63 15.80
N THR A 123 -9.43 -11.76 15.99
CA THR A 123 -9.41 -12.80 14.98
C THR A 123 -10.84 -13.22 14.67
N LYS A 124 -11.16 -13.37 13.37
CA LYS A 124 -12.43 -13.90 12.90
C LYS A 124 -12.18 -14.66 11.59
N GLY A 125 -12.64 -15.90 11.52
CA GLY A 125 -12.61 -16.66 10.28
C GLY A 125 -13.55 -16.02 9.25
N PRO A 126 -13.32 -16.24 7.94
CA PRO A 126 -14.20 -15.72 6.90
C PRO A 126 -15.46 -16.56 6.79
N SER A 127 -16.56 -15.97 6.35
CA SER A 127 -17.61 -16.77 5.75
C SER A 127 -17.35 -16.81 4.25
N VAL A 128 -17.66 -17.96 3.64
CA VAL A 128 -17.32 -18.24 2.26
C VAL A 128 -18.60 -18.56 1.50
N CYS A 129 -18.77 -17.85 0.39
CA CYS A 129 -19.98 -17.85 -0.39
C CYS A 129 -19.63 -18.20 -1.83
N PRO A 130 -20.25 -19.19 -2.51
CA PRO A 130 -19.96 -19.46 -3.92
C PRO A 130 -20.50 -18.36 -4.82
N LEU A 131 -19.73 -17.92 -5.81
CA LEU A 131 -20.21 -16.93 -6.77
C LEU A 131 -20.54 -17.64 -8.08
N ALA A 132 -21.83 -17.74 -8.40
CA ALA A 132 -22.27 -18.48 -9.59
C ALA A 132 -22.34 -17.56 -10.80
N PRO A 133 -22.14 -18.10 -12.02
CA PRO A 133 -22.20 -17.30 -13.25
C PRO A 133 -23.45 -16.44 -13.39
N SER A 137 -25.18 -17.30 -20.69
CA SER A 137 -23.85 -17.99 -20.71
C SER A 137 -23.44 -18.30 -22.16
N THR A 138 -22.34 -17.68 -22.63
CA THR A 138 -21.85 -17.87 -23.99
C THR A 138 -21.66 -19.36 -24.27
N SER A 139 -22.57 -19.93 -25.08
CA SER A 139 -22.54 -21.33 -25.46
C SER A 139 -21.27 -21.65 -26.26
N GLY A 140 -20.52 -22.67 -25.80
CA GLY A 140 -19.24 -23.04 -26.39
C GLY A 140 -18.14 -22.01 -26.13
N GLY A 141 -18.35 -21.10 -25.14
CA GLY A 141 -17.37 -20.12 -24.70
C GLY A 141 -16.90 -20.41 -23.28
N THR A 142 -16.64 -19.36 -22.51
CA THR A 142 -16.19 -19.51 -21.13
C THR A 142 -17.17 -18.77 -20.22
N ALA A 143 -17.17 -19.16 -18.95
CA ALA A 143 -17.90 -18.50 -17.88
C ALA A 143 -16.97 -18.22 -16.71
N GLU A 144 -17.39 -17.32 -15.80
CA GLU A 144 -16.63 -17.00 -14.60
C GLU A 144 -17.42 -17.47 -13.39
N LEU A 145 -16.78 -18.23 -12.53
CA LEU A 145 -17.36 -18.52 -11.24
C LEU A 145 -16.30 -18.16 -10.18
N GLY A 146 -16.71 -18.20 -8.91
CA GLY A 146 -15.80 -17.81 -7.86
C GLY A 146 -16.34 -18.07 -6.46
N CYS A 147 -15.53 -17.62 -5.49
CA CYS A 147 -15.87 -17.63 -4.08
C CYS A 147 -15.56 -16.27 -3.48
N LEU A 148 -16.52 -15.80 -2.69
CA LEU A 148 -16.42 -14.62 -1.85
C LEU A 148 -15.96 -15.06 -0.46
N VAL A 149 -14.87 -14.47 0.02
CA VAL A 149 -14.28 -14.78 1.31
C VAL A 149 -14.42 -13.52 2.17
N LYS A 150 -15.46 -13.49 3.03
CA LYS A 150 -15.99 -12.27 3.62
C LYS A 150 -15.55 -12.16 5.08
N ASP A 151 -15.27 -10.92 5.53
CA ASP A 151 -15.19 -10.51 6.93
C ASP A 151 -14.24 -11.39 7.75
N TYR A 152 -12.94 -11.37 7.42
CA TYR A 152 -11.94 -12.07 8.23
C TYR A 152 -10.87 -11.11 8.76
N PHE A 153 -10.11 -11.59 9.74
CA PHE A 153 -9.02 -10.83 10.37
C PHE A 153 -8.14 -11.81 11.16
N PRO A 154 -6.79 -11.71 11.12
CA PRO A 154 -6.03 -10.84 10.22
C PRO A 154 -5.74 -11.48 8.86
N GLU A 155 -4.96 -10.78 8.01
CA GLU A 155 -4.33 -11.43 6.88
C GLU A 155 -3.45 -12.58 7.38
N PRO A 156 -3.09 -13.60 6.57
CA PRO A 156 -3.62 -13.79 5.22
C PRO A 156 -4.64 -14.93 5.15
N VAL A 157 -5.28 -15.07 3.98
CA VAL A 157 -6.05 -16.26 3.63
C VAL A 157 -5.37 -16.92 2.44
N THR A 158 -5.41 -18.25 2.33
CA THR A 158 -5.06 -18.91 1.08
C THR A 158 -6.30 -19.54 0.45
N VAL A 159 -6.38 -19.48 -0.89
CA VAL A 159 -7.46 -20.10 -1.63
C VAL A 159 -6.86 -21.06 -2.64
N SER A 160 -7.42 -22.25 -2.75
CA SER A 160 -7.10 -23.11 -3.87
C SER A 160 -8.42 -23.60 -4.46
N TRP A 161 -8.37 -24.18 -5.67
CA TRP A 161 -9.52 -24.84 -6.27
C TRP A 161 -9.24 -26.33 -6.50
N ASN A 162 -10.22 -27.18 -6.14
CA ASN A 162 -10.11 -28.62 -6.35
C ASN A 162 -8.82 -29.12 -5.70
N SER A 163 -8.60 -28.61 -4.48
CA SER A 163 -7.45 -28.97 -3.66
C SER A 163 -6.14 -28.70 -4.37
N GLY A 164 -6.13 -27.74 -5.31
CA GLY A 164 -4.90 -27.34 -5.98
C GLY A 164 -4.73 -28.01 -7.34
N ALA A 165 -5.61 -28.96 -7.71
CA ALA A 165 -5.60 -29.54 -9.04
C ALA A 165 -5.96 -28.48 -10.10
N LEU A 166 -6.88 -27.58 -9.80
CA LEU A 166 -7.36 -26.68 -10.83
C LEU A 166 -6.55 -25.39 -10.79
N THR A 167 -5.74 -25.17 -11.83
CA THR A 167 -4.84 -24.03 -11.85
C THR A 167 -5.14 -23.10 -13.02
N SER A 168 -5.52 -23.59 -14.19
CA SER A 168 -5.67 -22.65 -15.28
C SER A 168 -6.94 -21.85 -15.09
N GLY A 169 -6.83 -20.55 -15.38
CA GLY A 169 -7.96 -19.65 -15.28
C GLY A 169 -8.25 -19.13 -13.86
N VAL A 170 -7.46 -19.51 -12.87
CA VAL A 170 -7.66 -19.07 -11.49
C VAL A 170 -7.07 -17.66 -11.27
N HIS A 171 -7.81 -16.81 -10.58
CA HIS A 171 -7.28 -15.51 -10.17
C HIS A 171 -7.84 -15.16 -8.79
N THR A 172 -6.97 -15.22 -7.79
CA THR A 172 -7.31 -14.80 -6.44
C THR A 172 -6.88 -13.35 -6.26
N PHE A 173 -7.84 -12.48 -5.90
CA PHE A 173 -7.56 -11.07 -5.79
C PHE A 173 -7.12 -10.68 -4.38
N PRO A 174 -6.22 -9.68 -4.27
CA PRO A 174 -5.90 -9.04 -2.99
C PRO A 174 -7.14 -8.50 -2.27
N ALA A 175 -7.10 -8.58 -0.94
CA ALA A 175 -8.24 -8.23 -0.09
C ALA A 175 -8.49 -6.73 -0.04
N VAL A 176 -9.73 -6.35 0.27
CA VAL A 176 -10.08 -5.03 0.73
C VAL A 176 -10.07 -5.04 2.26
N LEU A 177 -9.46 -4.01 2.87
CA LEU A 177 -9.61 -3.77 4.29
C LEU A 177 -10.83 -2.88 4.45
N GLN A 178 -11.87 -3.38 5.11
CA GLN A 178 -13.13 -2.65 5.16
C GLN A 178 -13.03 -1.57 6.23
N SER A 179 -13.97 -0.62 6.24
CA SER A 179 -14.07 0.38 7.31
C SER A 179 -14.31 -0.26 8.67
N SER A 180 -14.88 -1.47 8.68
CA SER A 180 -15.06 -2.26 9.88
C SER A 180 -13.75 -2.72 10.49
N GLY A 181 -12.66 -2.71 9.74
CA GLY A 181 -11.41 -3.27 10.25
C GLY A 181 -11.15 -4.72 9.80
N LEU A 182 -12.14 -5.32 9.11
CA LEU A 182 -12.04 -6.68 8.59
C LEU A 182 -11.71 -6.67 7.09
N TYR A 183 -11.15 -7.79 6.64
CA TYR A 183 -10.83 -8.03 5.24
C TYR A 183 -11.94 -8.82 4.53
N SER A 184 -12.08 -8.58 3.22
CA SER A 184 -12.77 -9.48 2.32
C SER A 184 -11.93 -9.63 1.05
N LEU A 185 -11.98 -10.81 0.42
CA LEU A 185 -11.46 -11.02 -0.92
C LEU A 185 -12.34 -12.00 -1.69
N SER A 186 -12.00 -12.16 -2.98
CA SER A 186 -12.66 -13.06 -3.92
C SER A 186 -11.63 -13.80 -4.75
N SER A 187 -11.97 -15.03 -5.15
CA SER A 187 -11.19 -15.82 -6.08
C SER A 187 -12.11 -16.21 -7.23
N VAL A 188 -11.64 -16.07 -8.49
CA VAL A 188 -12.43 -16.41 -9.66
C VAL A 188 -11.70 -17.42 -10.51
N VAL A 189 -12.49 -18.26 -11.21
CA VAL A 189 -11.96 -19.13 -12.24
C VAL A 189 -12.79 -18.94 -13.49
N THR A 190 -12.09 -18.81 -14.63
CA THR A 190 -12.74 -18.83 -15.93
C THR A 190 -12.73 -20.27 -16.42
N VAL A 191 -13.94 -20.81 -16.68
CA VAL A 191 -14.10 -22.22 -17.02
C VAL A 191 -14.84 -22.32 -18.36
N PRO A 192 -14.82 -23.49 -19.05
CA PRO A 192 -15.68 -23.73 -20.22
C PRO A 192 -17.16 -23.77 -19.85
N SER A 193 -17.95 -22.98 -20.58
CA SER A 193 -19.40 -22.99 -20.40
C SER A 193 -19.94 -24.40 -20.51
N SER A 194 -19.38 -25.16 -21.45
CA SER A 194 -19.77 -26.54 -21.66
C SER A 194 -19.55 -27.40 -20.40
N SER A 195 -18.77 -26.90 -19.42
CA SER A 195 -18.43 -27.69 -18.23
C SER A 195 -19.39 -27.46 -17.07
N LEU A 196 -20.26 -26.44 -17.21
CA LEU A 196 -21.15 -26.05 -16.13
C LEU A 196 -22.22 -27.09 -15.94
N GLY A 197 -22.53 -27.39 -14.68
CA GLY A 197 -23.51 -28.40 -14.33
C GLY A 197 -22.94 -29.82 -14.36
N THR A 198 -21.71 -29.99 -14.88
CA THR A 198 -21.15 -31.32 -15.05
C THR A 198 -19.83 -31.43 -14.30
N GLN A 199 -18.90 -30.48 -14.53
CA GLN A 199 -17.64 -30.46 -13.81
C GLN A 199 -17.85 -29.93 -12.38
N THR A 200 -17.23 -30.61 -11.41
CA THR A 200 -17.18 -30.18 -10.02
C THR A 200 -16.11 -29.11 -9.83
N TYR A 201 -16.52 -27.97 -9.26
CA TYR A 201 -15.65 -26.86 -8.92
C TYR A 201 -15.81 -26.54 -7.43
N ILE A 202 -14.70 -26.61 -6.69
CA ILE A 202 -14.71 -26.42 -5.26
C ILE A 202 -13.61 -25.43 -4.91
N CYS A 203 -13.93 -24.40 -4.13
CA CYS A 203 -12.88 -23.53 -3.64
C CYS A 203 -12.56 -23.91 -2.19
N ASN A 204 -11.26 -23.98 -1.88
CA ASN A 204 -10.77 -24.35 -0.56
C ASN A 204 -10.15 -23.12 0.09
N VAL A 205 -10.80 -22.62 1.15
CA VAL A 205 -10.33 -21.41 1.79
C VAL A 205 -9.70 -21.77 3.13
N ASN A 206 -8.50 -21.23 3.37
CA ASN A 206 -7.74 -21.54 4.57
C ASN A 206 -7.35 -20.24 5.27
N HIS A 207 -7.80 -20.06 6.52
CA HIS A 207 -7.41 -18.94 7.37
C HIS A 207 -6.81 -19.50 8.66
N LYS A 208 -5.48 -19.58 8.72
CA LYS A 208 -4.76 -20.21 9.81
C LYS A 208 -5.01 -19.51 11.15
N PRO A 209 -5.01 -18.15 11.25
CA PRO A 209 -5.20 -17.51 12.54
C PRO A 209 -6.49 -17.91 13.26
N SER A 210 -7.52 -18.28 12.50
CA SER A 210 -8.79 -18.70 13.07
C SER A 210 -8.91 -20.22 13.00
N ASN A 211 -7.87 -20.88 12.50
CA ASN A 211 -7.90 -22.31 12.29
C ASN A 211 -9.12 -22.71 11.47
N THR A 212 -9.40 -21.95 10.40
CA THR A 212 -10.57 -22.12 9.55
C THR A 212 -10.16 -22.81 8.25
N LYS A 213 -10.85 -23.90 7.91
CA LYS A 213 -10.69 -24.57 6.62
C LYS A 213 -12.07 -24.85 6.03
N VAL A 214 -12.45 -24.16 4.94
CA VAL A 214 -13.79 -24.26 4.37
C VAL A 214 -13.69 -24.61 2.89
N ASP A 215 -14.53 -25.57 2.48
CA ASP A 215 -14.68 -25.96 1.09
C ASP A 215 -16.11 -25.71 0.65
N LYS A 216 -16.30 -24.91 -0.42
CA LYS A 216 -17.62 -24.65 -0.99
C LYS A 216 -17.65 -25.11 -2.45
N ARG A 217 -18.67 -25.92 -2.77
CA ARG A 217 -18.94 -26.34 -4.13
C ARG A 217 -19.63 -25.18 -4.86
N VAL A 218 -19.21 -24.87 -6.09
CA VAL A 218 -19.87 -23.80 -6.83
C VAL A 218 -20.72 -24.41 -7.94
N GLU A 219 -22.05 -24.25 -7.82
CA GLU A 219 -23.02 -24.72 -8.81
C GLU A 219 -23.56 -23.53 -9.59
N PRO A 220 -24.02 -23.72 -10.84
CA PRO A 220 -24.48 -22.61 -11.66
C PRO A 220 -25.97 -22.27 -11.48
N ASP B 1 5.44 23.10 12.83
CA ASP B 1 6.47 22.43 12.00
C ASP B 1 6.68 23.19 10.71
N ILE B 2 7.79 22.93 10.02
CA ILE B 2 7.95 23.45 8.67
C ILE B 2 7.28 22.47 7.71
N GLN B 3 6.42 23.00 6.82
CA GLN B 3 5.75 22.23 5.80
C GLN B 3 6.60 22.21 4.55
N MET B 4 6.74 21.03 3.95
CA MET B 4 7.33 20.89 2.64
C MET B 4 6.21 20.50 1.68
N THR B 5 5.92 21.41 0.74
CA THR B 5 4.83 21.23 -0.22
C THR B 5 5.43 20.81 -1.56
N GLN B 6 5.19 19.56 -1.96
CA GLN B 6 5.85 18.99 -3.12
C GLN B 6 4.88 18.98 -4.29
N SER B 7 5.36 19.32 -5.50
CA SER B 7 4.52 19.07 -6.65
C SER B 7 5.37 18.65 -7.85
N PRO B 8 4.81 17.92 -8.85
CA PRO B 8 3.45 17.38 -8.77
C PRO B 8 3.40 16.12 -7.91
N SER B 9 2.21 15.60 -7.62
CA SER B 9 2.08 14.42 -6.77
C SER B 9 2.34 13.17 -7.60
N SER B 10 2.12 13.26 -8.91
CA SER B 10 2.60 12.22 -9.80
C SER B 10 2.83 12.76 -11.20
N LEU B 11 3.61 12.00 -11.98
CA LEU B 11 3.80 12.33 -13.38
C LEU B 11 4.24 11.08 -14.11
N SER B 12 3.76 10.95 -15.33
CA SER B 12 4.16 9.83 -16.17
C SER B 12 5.13 10.36 -17.21
N ALA B 13 6.24 9.64 -17.41
CA ALA B 13 7.33 10.13 -18.23
C ALA B 13 7.88 9.03 -19.13
N SER B 14 8.48 9.45 -20.26
CA SER B 14 9.21 8.57 -21.17
C SER B 14 10.69 8.58 -20.83
N VAL B 15 11.32 7.44 -21.12
CA VAL B 15 12.76 7.33 -20.98
C VAL B 15 13.39 8.43 -21.84
N GLY B 16 14.29 9.21 -21.22
CA GLY B 16 14.96 10.31 -21.89
C GLY B 16 14.34 11.67 -21.62
N ASP B 17 13.18 11.75 -20.97
CA ASP B 17 12.62 13.03 -20.62
C ASP B 17 13.47 13.69 -19.54
N ARG B 18 13.41 15.02 -19.57
CA ARG B 18 13.85 15.92 -18.53
C ARG B 18 12.69 16.13 -17.57
N VAL B 19 12.89 15.74 -16.30
CA VAL B 19 11.84 15.79 -15.29
C VAL B 19 12.27 16.79 -14.21
N THR B 20 11.38 17.69 -13.78
CA THR B 20 11.70 18.58 -12.67
C THR B 20 10.60 18.46 -11.62
N ILE B 21 11.03 18.32 -10.36
CA ILE B 21 10.13 18.11 -9.25
C ILE B 21 10.35 19.27 -8.29
N THR B 22 9.25 19.83 -7.79
CA THR B 22 9.33 21.06 -7.02
C THR B 22 8.88 20.86 -5.57
N CYS B 23 9.53 21.62 -4.70
CA CYS B 23 9.24 21.57 -3.30
C CYS B 23 9.45 22.95 -2.67
N ARG B 24 8.36 23.47 -2.08
CA ARG B 24 8.37 24.76 -1.39
C ARG B 24 8.28 24.54 0.11
N ALA B 25 9.23 25.14 0.84
CA ALA B 25 9.23 25.18 2.29
C ALA B 25 8.37 26.36 2.75
N SER B 26 7.56 26.16 3.81
CA SER B 26 6.69 27.16 4.40
C SER B 26 7.47 28.33 5.02
N GLN B 27 8.79 28.18 5.17
CA GLN B 27 9.62 29.28 5.63
C GLN B 27 11.06 29.02 5.23
N ASP B 28 11.93 29.99 5.50
CA ASP B 28 13.33 29.88 5.08
C ASP B 28 13.89 28.65 5.78
N VAL B 29 14.65 27.84 5.03
CA VAL B 29 15.33 26.69 5.63
C VAL B 29 16.76 26.70 5.12
N ASN B 30 17.16 27.83 4.52
CA ASN B 30 18.51 27.97 3.98
C ASN B 30 18.68 26.93 2.88
N THR B 31 19.73 26.12 2.95
CA THR B 31 19.99 25.12 1.93
C THR B 31 19.91 23.72 2.56
N ALA B 32 19.25 23.60 3.72
CA ALA B 32 19.24 22.37 4.50
C ALA B 32 18.13 21.42 3.98
N VAL B 33 18.29 20.94 2.75
CA VAL B 33 17.24 20.19 2.08
C VAL B 33 17.86 18.99 1.36
N ALA B 34 17.20 17.84 1.49
CA ALA B 34 17.67 16.60 0.92
C ALA B 34 16.57 15.99 0.05
N TRP B 35 16.98 15.32 -1.03
CA TRP B 35 16.07 14.50 -1.83
C TRP B 35 16.37 13.01 -1.71
N TYR B 36 15.28 12.23 -1.57
CA TYR B 36 15.31 10.79 -1.43
C TYR B 36 14.49 10.13 -2.54
N GLN B 37 14.95 8.94 -2.91
CA GLN B 37 14.26 8.06 -3.84
C GLN B 37 13.80 6.84 -3.06
N GLN B 38 12.60 6.37 -3.38
CA GLN B 38 12.07 5.17 -2.75
C GLN B 38 11.37 4.33 -3.82
N LYS B 39 11.63 3.03 -3.78
CA LYS B 39 10.92 2.10 -4.66
C LYS B 39 10.07 1.17 -3.81
N PRO B 40 9.08 0.48 -4.42
CA PRO B 40 8.17 -0.39 -3.66
C PRO B 40 8.89 -1.42 -2.78
N GLY B 41 8.59 -1.41 -1.49
CA GLY B 41 9.12 -2.43 -0.62
C GLY B 41 10.54 -2.10 -0.18
N LYS B 42 11.10 -0.97 -0.59
CA LYS B 42 12.46 -0.66 -0.18
C LYS B 42 12.43 0.58 0.69
N ALA B 43 13.56 0.81 1.36
CA ALA B 43 13.83 2.02 2.08
C ALA B 43 14.09 3.18 1.12
N PRO B 44 13.92 4.43 1.59
CA PRO B 44 14.48 5.60 0.92
C PRO B 44 15.99 5.53 0.71
N LYS B 45 16.45 6.20 -0.33
CA LYS B 45 17.86 6.30 -0.65
C LYS B 45 18.17 7.77 -0.94
N LEU B 46 19.26 8.27 -0.33
CA LEU B 46 19.62 9.66 -0.45
C LEU B 46 20.19 9.91 -1.85
N LEU B 47 19.72 10.98 -2.50
CA LEU B 47 20.23 11.41 -3.81
C LEU B 47 21.02 12.71 -3.67
N ILE B 48 20.43 13.67 -2.96
CA ILE B 48 20.92 15.01 -2.95
C ILE B 48 20.78 15.51 -1.53
N TYR B 49 21.84 16.19 -1.05
CA TYR B 49 21.85 16.81 0.27
C TYR B 49 22.33 18.24 0.12
N SER B 50 22.05 19.06 1.14
CA SER B 50 22.33 20.48 1.13
C SER B 50 21.86 21.15 -0.14
N ALA B 51 20.63 20.81 -0.58
CA ALA B 51 19.95 21.39 -1.73
C ALA B 51 20.52 20.95 -3.08
N SER B 52 21.86 20.93 -3.25
CA SER B 52 22.41 20.79 -4.59
C SER B 52 23.59 19.85 -4.68
N PHE B 53 23.96 19.15 -3.60
CA PHE B 53 25.12 18.27 -3.64
C PHE B 53 24.66 16.83 -3.83
N LEU B 54 25.36 16.18 -4.77
CA LEU B 54 25.06 14.83 -5.21
C LEU B 54 25.72 13.86 -4.24
N TYR B 55 24.94 12.97 -3.64
CA TYR B 55 25.49 12.02 -2.70
C TYR B 55 26.31 11.00 -3.47
N SER B 56 27.26 10.35 -2.78
CA SER B 56 28.27 9.56 -3.45
C SER B 56 27.61 8.42 -4.20
N GLY B 57 28.01 8.20 -5.47
CA GLY B 57 27.47 7.13 -6.27
C GLY B 57 26.19 7.46 -7.03
N VAL B 58 25.65 8.68 -6.90
CA VAL B 58 24.37 8.99 -7.51
C VAL B 58 24.64 9.53 -8.92
N PRO B 59 23.96 9.06 -9.97
CA PRO B 59 24.32 9.43 -11.35
C PRO B 59 24.12 10.93 -11.53
N SER B 60 24.95 11.55 -12.38
CA SER B 60 25.03 13.00 -12.42
C SER B 60 23.92 13.56 -13.28
N ARG B 61 23.06 12.71 -13.81
CA ARG B 61 21.86 13.24 -14.46
C ARG B 61 20.94 13.83 -13.38
N PHE B 62 21.18 13.52 -12.10
CA PHE B 62 20.41 14.15 -11.04
C PHE B 62 21.06 15.46 -10.61
N SER B 63 20.24 16.50 -10.49
CA SER B 63 20.68 17.77 -9.94
C SER B 63 19.60 18.36 -9.04
N GLY B 64 20.03 19.19 -8.09
CA GLY B 64 19.13 19.91 -7.21
C GLY B 64 19.43 21.40 -7.22
N SER B 65 18.40 22.23 -7.10
CA SER B 65 18.64 23.66 -6.97
C SER B 65 17.65 24.30 -6.01
N ARG B 66 18.04 25.51 -5.58
CA ARG B 66 17.30 26.30 -4.64
C ARG B 66 17.11 27.70 -5.17
N SER B 67 15.89 28.22 -5.02
CA SER B 67 15.59 29.62 -5.23
C SER B 67 14.68 30.07 -4.09
N GLY B 68 15.27 30.79 -3.12
CA GLY B 68 14.54 31.13 -1.90
C GLY B 68 14.06 29.89 -1.14
N THR B 69 12.73 29.76 -1.05
CA THR B 69 12.09 28.64 -0.38
C THR B 69 11.70 27.55 -1.38
N ASP B 70 12.02 27.74 -2.67
CA ASP B 70 11.68 26.79 -3.73
C ASP B 70 12.86 25.88 -4.01
N PHE B 71 12.66 24.57 -3.82
CA PHE B 71 13.68 23.59 -4.12
C PHE B 71 13.23 22.76 -5.32
N THR B 72 14.19 22.40 -6.19
CA THR B 72 13.92 21.62 -7.38
C THR B 72 14.90 20.47 -7.52
N LEU B 73 14.36 19.31 -7.87
CA LEU B 73 15.14 18.17 -8.34
C LEU B 73 14.87 18.02 -9.84
N THR B 74 15.98 17.91 -10.59
CA THR B 74 15.95 17.69 -12.02
C THR B 74 16.69 16.41 -12.36
N ILE B 75 16.00 15.59 -13.18
CA ILE B 75 16.61 14.45 -13.81
C ILE B 75 16.72 14.79 -15.29
N SER B 76 17.96 14.90 -15.78
CA SER B 76 18.21 15.51 -17.08
C SER B 76 17.73 14.61 -18.22
N SER B 77 17.89 13.29 -18.04
CA SER B 77 17.46 12.31 -19.03
C SER B 77 17.02 11.03 -18.29
N LEU B 78 15.71 10.89 -18.14
CA LEU B 78 15.12 9.86 -17.29
C LEU B 78 15.47 8.47 -17.81
N GLN B 79 16.04 7.64 -16.91
CA GLN B 79 16.43 6.28 -17.25
C GLN B 79 15.52 5.30 -16.50
N PRO B 80 15.41 4.05 -16.98
CA PRO B 80 14.43 3.11 -16.44
C PRO B 80 14.51 2.91 -14.92
N GLU B 81 15.71 2.95 -14.35
CA GLU B 81 15.83 2.74 -12.93
C GLU B 81 15.42 4.01 -12.16
N ASP B 82 15.04 5.10 -12.85
CA ASP B 82 14.67 6.34 -12.20
C ASP B 82 13.17 6.39 -11.87
N PHE B 83 12.39 5.49 -12.47
CA PHE B 83 10.98 5.36 -12.18
C PHE B 83 10.83 4.87 -10.75
N ALA B 84 10.18 5.71 -9.93
CA ALA B 84 10.23 5.61 -8.47
C ALA B 84 9.40 6.73 -7.84
N THR B 85 9.39 6.77 -6.49
CA THR B 85 8.81 7.87 -5.76
C THR B 85 9.93 8.73 -5.20
N TYR B 86 9.79 10.07 -5.31
CA TYR B 86 10.77 11.03 -4.81
C TYR B 86 10.18 11.86 -3.67
N TYR B 87 11.01 12.11 -2.64
CA TYR B 87 10.63 12.90 -1.49
C TYR B 87 11.68 13.97 -1.21
N CYS B 88 11.23 15.21 -0.99
CA CYS B 88 12.08 16.21 -0.38
C CYS B 88 11.95 16.17 1.14
N GLN B 89 12.98 16.69 1.83
CA GLN B 89 13.01 16.82 3.29
C GLN B 89 13.73 18.10 3.64
N GLN B 90 13.20 18.82 4.64
CA GLN B 90 13.98 19.88 5.28
C GLN B 90 14.64 19.27 6.51
N HIS B 91 15.93 19.54 6.69
CA HIS B 91 16.64 19.12 7.90
C HIS B 91 17.22 20.35 8.59
N TYR B 92 16.58 21.51 8.42
CA TYR B 92 17.04 22.76 8.98
C TYR B 92 16.73 22.86 10.47
N THR B 93 15.62 22.23 10.88
CA THR B 93 15.17 22.25 12.26
C THR B 93 14.63 20.87 12.64
N THR B 94 14.28 20.73 13.92
CA THR B 94 13.68 19.54 14.48
C THR B 94 12.22 19.86 14.81
N PRO B 95 11.21 19.11 14.33
CA PRO B 95 11.40 17.89 13.54
C PRO B 95 11.76 18.16 12.09
N PRO B 96 12.57 17.28 11.47
CA PRO B 96 12.75 17.31 10.03
C PRO B 96 11.42 16.87 9.43
N THR B 97 11.01 17.50 8.33
CA THR B 97 9.76 17.17 7.67
C THR B 97 9.99 16.84 6.20
N PHE B 98 9.11 16.00 5.66
CA PHE B 98 9.23 15.52 4.30
C PHE B 98 8.07 16.03 3.47
N GLY B 99 8.36 16.21 2.18
CA GLY B 99 7.32 16.43 1.22
C GLY B 99 6.43 15.20 1.17
N GLN B 100 5.34 15.37 0.46
CA GLN B 100 4.36 14.31 0.36
C GLN B 100 4.67 13.37 -0.80
N GLY B 101 5.69 13.65 -1.59
CA GLY B 101 6.14 12.63 -2.53
C GLY B 101 5.69 12.94 -3.96
N THR B 102 6.54 12.53 -4.92
CA THR B 102 6.16 12.53 -6.32
C THR B 102 6.46 11.15 -6.92
N LYS B 103 5.43 10.56 -7.53
CA LYS B 103 5.56 9.28 -8.18
C LYS B 103 5.89 9.55 -9.65
N VAL B 104 7.09 9.13 -10.09
CA VAL B 104 7.48 9.17 -11.49
C VAL B 104 7.21 7.80 -12.11
N GLU B 105 6.31 7.74 -13.10
CA GLU B 105 5.79 6.45 -13.55
C GLU B 105 5.97 6.26 -15.06
N ILE B 106 6.17 4.98 -15.43
CA ILE B 106 6.30 4.57 -16.81
C ILE B 106 5.01 4.92 -17.55
N LYS B 107 5.13 5.67 -18.63
CA LYS B 107 3.98 5.99 -19.46
C LYS B 107 3.63 4.72 -20.26
N GLY B 108 2.34 4.33 -20.23
CA GLY B 108 1.92 3.14 -20.95
C GLY B 108 1.81 3.37 -22.45
N GLN B 109 2.85 3.02 -23.22
CA GLN B 109 2.88 3.42 -24.61
C GLN B 109 1.67 2.78 -25.28
N PRO B 110 1.53 1.43 -25.33
CA PRO B 110 0.21 0.83 -25.53
C PRO B 110 -0.34 0.71 -24.11
N LYS B 111 -1.44 1.41 -23.81
CA LYS B 111 -2.11 1.21 -22.53
C LYS B 111 -2.84 -0.15 -22.54
N ALA B 112 -2.95 -0.79 -21.38
CA ALA B 112 -3.64 -2.08 -21.25
C ALA B 112 -4.99 -1.89 -20.53
N ALA B 113 -6.10 -2.20 -21.21
CA ALA B 113 -7.45 -1.96 -20.69
C ALA B 113 -7.82 -3.06 -19.70
N PRO B 114 -8.60 -2.76 -18.63
CA PRO B 114 -8.97 -3.79 -17.65
C PRO B 114 -10.03 -4.77 -18.16
N SER B 115 -9.93 -6.01 -17.69
CA SER B 115 -11.04 -6.94 -17.72
C SER B 115 -11.90 -6.66 -16.50
N VAL B 116 -13.22 -6.76 -16.64
CA VAL B 116 -14.12 -6.50 -15.52
C VAL B 116 -15.08 -7.68 -15.41
N ARG B 117 -15.25 -8.19 -14.19
CA ARG B 117 -16.15 -9.30 -13.92
C ARG B 117 -17.03 -8.93 -12.73
N LEU B 118 -18.35 -9.05 -12.91
CA LEU B 118 -19.30 -8.58 -11.93
C LEU B 118 -20.21 -9.74 -11.56
N PHE B 119 -20.38 -9.94 -10.24
CA PHE B 119 -21.22 -10.99 -9.70
C PHE B 119 -22.33 -10.41 -8.83
N PRO B 120 -23.53 -11.00 -8.91
CA PRO B 120 -24.63 -10.66 -8.01
C PRO B 120 -24.41 -11.34 -6.66
N PRO B 121 -25.27 -11.05 -5.66
CA PRO B 121 -25.12 -11.59 -4.31
C PRO B 121 -25.25 -13.10 -4.32
N CYS B 122 -24.71 -13.76 -3.31
CA CYS B 122 -24.91 -15.19 -3.16
C CYS B 122 -26.10 -15.45 -2.24
N SER B 123 -26.74 -16.62 -2.41
CA SER B 123 -27.95 -17.02 -1.70
C SER B 123 -27.68 -17.06 -0.19
N GLU B 124 -26.49 -17.54 0.14
CA GLU B 124 -26.12 -17.75 1.53
C GLU B 124 -26.16 -16.41 2.25
N GLU B 125 -25.71 -15.32 1.57
CA GLU B 125 -25.77 -13.99 2.16
C GLU B 125 -27.21 -13.50 2.21
N LEU B 126 -27.95 -13.70 1.12
CA LEU B 126 -29.34 -13.27 1.04
C LEU B 126 -30.17 -13.88 2.17
N GLN B 127 -29.91 -15.16 2.50
CA GLN B 127 -30.64 -15.84 3.54
C GLN B 127 -30.27 -15.30 4.92
N ALA B 128 -29.05 -14.76 5.06
CA ALA B 128 -28.68 -14.07 6.28
C ALA B 128 -29.06 -12.59 6.18
N ASN B 129 -29.90 -12.27 5.19
CA ASN B 129 -30.39 -10.92 5.01
C ASN B 129 -29.22 -9.97 4.79
N LYS B 130 -28.32 -10.33 3.88
CA LYS B 130 -27.19 -9.51 3.47
C LYS B 130 -27.04 -9.59 1.95
N ALA B 131 -26.30 -8.64 1.37
CA ALA B 131 -26.07 -8.66 -0.07
C ALA B 131 -24.77 -7.92 -0.40
N THR B 132 -23.95 -8.54 -1.27
CA THR B 132 -22.73 -7.90 -1.74
C THR B 132 -22.55 -8.16 -3.22
N LEU B 133 -22.43 -7.07 -3.98
CA LEU B 133 -22.03 -7.14 -5.37
C LEU B 133 -20.50 -7.07 -5.41
N VAL B 134 -19.90 -7.86 -6.31
CA VAL B 134 -18.47 -8.01 -6.38
C VAL B 134 -18.00 -7.67 -7.80
N CYS B 135 -17.16 -6.65 -7.88
CA CYS B 135 -16.67 -6.16 -9.16
C CYS B 135 -15.16 -6.34 -9.18
N LEU B 136 -14.67 -7.24 -10.04
CA LEU B 136 -13.28 -7.66 -10.04
C LEU B 136 -12.61 -7.16 -11.31
N ILE B 137 -11.42 -6.56 -11.16
CA ILE B 137 -10.80 -5.76 -12.22
C ILE B 137 -9.33 -6.19 -12.33
N SER B 138 -8.89 -6.52 -13.55
CA SER B 138 -7.58 -7.12 -13.71
C SER B 138 -6.95 -6.73 -15.04
N ASP B 139 -5.62 -6.82 -15.06
CA ASP B 139 -4.77 -6.75 -16.25
C ASP B 139 -4.79 -5.34 -16.85
N PHE B 140 -4.72 -4.31 -16.00
CA PHE B 140 -4.72 -2.95 -16.51
C PHE B 140 -3.39 -2.25 -16.18
N TYR B 141 -2.95 -1.39 -17.10
CA TYR B 141 -1.79 -0.53 -16.91
C TYR B 141 -2.04 0.74 -17.73
N PRO B 142 -1.79 1.97 -17.21
CA PRO B 142 -1.33 2.20 -15.84
C PRO B 142 -2.31 1.83 -14.72
N GLY B 143 -1.80 1.89 -13.48
CA GLY B 143 -2.39 1.21 -12.34
C GLY B 143 -3.35 2.09 -11.57
N ALA B 144 -4.20 2.82 -12.29
CA ALA B 144 -5.11 3.79 -11.71
C ALA B 144 -6.46 3.59 -12.40
N VAL B 145 -7.51 3.57 -11.58
CA VAL B 145 -8.83 3.24 -12.05
C VAL B 145 -9.81 3.89 -11.09
N THR B 146 -10.98 4.25 -11.61
CA THR B 146 -12.06 4.73 -10.78
C THR B 146 -13.29 3.87 -11.06
N VAL B 147 -14.08 3.66 -10.01
CA VAL B 147 -15.20 2.75 -10.06
C VAL B 147 -16.45 3.53 -9.71
N ALA B 148 -17.49 3.42 -10.51
CA ALA B 148 -18.78 3.98 -10.16
C ALA B 148 -19.85 2.89 -10.18
N TRP B 149 -20.74 2.97 -9.19
CA TRP B 149 -21.81 2.01 -9.03
C TRP B 149 -23.14 2.68 -9.34
N LYS B 150 -23.99 1.97 -10.10
CA LYS B 150 -25.31 2.45 -10.47
C LYS B 150 -26.37 1.47 -9.94
N ALA B 151 -27.43 2.01 -9.33
CA ALA B 151 -28.68 1.29 -9.11
C ALA B 151 -29.66 1.74 -10.18
N ASP B 152 -30.10 0.80 -11.03
CA ASP B 152 -30.72 1.15 -12.31
C ASP B 152 -29.79 2.13 -13.02
N SER B 153 -30.11 3.43 -12.96
CA SER B 153 -29.29 4.47 -13.58
C SER B 153 -28.81 5.48 -12.55
N SER B 154 -29.26 5.32 -11.31
CA SER B 154 -28.92 6.25 -10.24
C SER B 154 -27.54 5.91 -9.68
N PRO B 155 -26.67 6.92 -9.47
CA PRO B 155 -25.41 6.69 -8.78
C PRO B 155 -25.63 6.19 -7.36
N VAL B 156 -24.88 5.17 -6.95
CA VAL B 156 -24.97 4.62 -5.60
C VAL B 156 -23.85 5.20 -4.75
N LYS B 157 -24.19 6.05 -3.77
CA LYS B 157 -23.18 6.67 -2.93
C LYS B 157 -22.61 5.68 -1.90
N ALA B 158 -23.50 5.04 -1.15
CA ALA B 158 -23.12 4.40 0.11
C ALA B 158 -22.75 2.95 -0.13
N GLY B 159 -22.02 2.37 0.83
CA GLY B 159 -21.74 0.94 0.90
C GLY B 159 -20.69 0.46 -0.11
N VAL B 160 -19.87 1.36 -0.66
CA VAL B 160 -18.87 1.03 -1.66
C VAL B 160 -17.50 0.92 -1.01
N GLU B 161 -16.79 -0.18 -1.26
CA GLU B 161 -15.43 -0.32 -0.77
C GLU B 161 -14.55 -0.90 -1.87
N THR B 162 -13.48 -0.17 -2.17
CA THR B 162 -12.68 -0.38 -3.37
C THR B 162 -11.23 -0.47 -2.92
N THR B 163 -10.50 -1.49 -3.38
CA THR B 163 -9.08 -1.58 -3.08
C THR B 163 -8.27 -0.56 -3.90
N THR B 164 -7.10 -0.20 -3.39
CA THR B 164 -6.09 0.46 -4.20
C THR B 164 -5.53 -0.61 -5.13
N PRO B 165 -5.29 -0.30 -6.43
CA PRO B 165 -4.75 -1.28 -7.37
C PRO B 165 -3.49 -1.92 -6.84
N SER B 166 -3.30 -3.21 -7.10
CA SER B 166 -2.09 -3.89 -6.68
C SER B 166 -1.44 -4.58 -7.87
N LYS B 167 -0.11 -4.48 -7.92
CA LYS B 167 0.67 -4.94 -9.06
C LYS B 167 0.62 -6.46 -9.14
N GLN B 168 0.10 -6.98 -10.24
CA GLN B 168 0.15 -8.40 -10.53
C GLN B 168 1.61 -8.78 -10.82
N SER B 169 1.85 -10.09 -10.99
CA SER B 169 3.18 -10.58 -11.29
C SER B 169 3.61 -10.19 -12.70
N ASN B 170 2.67 -9.93 -13.61
CA ASN B 170 3.00 -9.47 -14.96
C ASN B 170 3.16 -7.95 -15.03
N ASN B 171 3.16 -7.28 -13.87
CA ASN B 171 3.49 -5.86 -13.76
C ASN B 171 2.34 -4.99 -14.25
N LYS B 172 1.18 -5.61 -14.58
CA LYS B 172 -0.10 -4.92 -14.68
C LYS B 172 -0.84 -4.97 -13.33
N TYR B 173 -2.04 -4.36 -13.27
CA TYR B 173 -2.71 -4.15 -11.98
C TYR B 173 -4.04 -4.89 -11.89
N ALA B 174 -4.42 -5.15 -10.64
CA ALA B 174 -5.71 -5.71 -10.27
C ALA B 174 -6.31 -4.88 -9.16
N ALA B 175 -7.66 -4.86 -9.12
CA ALA B 175 -8.42 -4.18 -8.07
C ALA B 175 -9.80 -4.81 -7.99
N SER B 176 -10.47 -4.56 -6.87
CA SER B 176 -11.79 -5.07 -6.55
C SER B 176 -12.63 -3.92 -6.00
N SER B 177 -13.94 -3.97 -6.24
CA SER B 177 -14.88 -3.07 -5.57
C SER B 177 -16.06 -3.88 -5.09
N TYR B 178 -16.47 -3.59 -3.84
CA TYR B 178 -17.54 -4.29 -3.16
C TYR B 178 -18.64 -3.29 -2.83
N LEU B 179 -19.87 -3.58 -3.28
CA LEU B 179 -21.02 -2.77 -2.89
C LEU B 179 -21.89 -3.57 -1.92
N SER B 180 -22.05 -3.06 -0.70
CA SER B 180 -22.93 -3.68 0.28
C SER B 180 -24.34 -3.10 0.17
N LEU B 181 -25.32 -4.01 0.08
CA LEU B 181 -26.75 -3.72 -0.10
C LEU B 181 -27.53 -4.48 0.97
N THR B 182 -28.73 -4.00 1.28
CA THR B 182 -29.74 -4.88 1.86
C THR B 182 -30.36 -5.68 0.73
N PRO B 183 -30.77 -6.95 0.97
CA PRO B 183 -31.63 -7.67 0.03
C PRO B 183 -32.77 -6.80 -0.52
N GLU B 184 -33.36 -5.99 0.35
CA GLU B 184 -34.46 -5.13 -0.04
C GLU B 184 -34.01 -4.33 -1.27
N GLN B 185 -32.92 -3.55 -1.10
CA GLN B 185 -32.40 -2.68 -2.13
C GLN B 185 -32.10 -3.47 -3.39
N TRP B 186 -31.43 -4.62 -3.25
CA TRP B 186 -31.05 -5.44 -4.39
C TRP B 186 -32.28 -5.80 -5.21
N LYS B 187 -33.36 -6.16 -4.53
CA LYS B 187 -34.54 -6.67 -5.19
C LYS B 187 -35.45 -5.53 -5.64
N SER B 188 -35.24 -4.32 -5.11
CA SER B 188 -36.12 -3.19 -5.42
C SER B 188 -35.76 -2.55 -6.75
N HIS B 189 -34.71 -3.03 -7.43
CA HIS B 189 -34.22 -2.41 -8.66
C HIS B 189 -34.16 -3.46 -9.76
N ARG B 190 -34.13 -3.00 -11.02
CA ARG B 190 -34.07 -3.87 -12.17
C ARG B 190 -32.63 -4.34 -12.45
N SER B 191 -31.64 -3.47 -12.13
CA SER B 191 -30.24 -3.77 -12.42
C SER B 191 -29.31 -2.92 -11.52
N TYR B 192 -28.10 -3.45 -11.28
CA TYR B 192 -27.05 -2.66 -10.68
C TYR B 192 -25.86 -2.77 -11.62
N SER B 193 -25.10 -1.68 -11.79
CA SER B 193 -23.98 -1.67 -12.72
C SER B 193 -22.68 -1.29 -12.01
N CYS B 194 -21.58 -1.89 -12.50
CA CYS B 194 -20.23 -1.55 -12.05
C CYS B 194 -19.54 -0.95 -13.26
N GLN B 195 -19.13 0.31 -13.16
CA GLN B 195 -18.53 1.00 -14.30
C GLN B 195 -17.10 1.34 -13.91
N VAL B 196 -16.15 0.87 -14.71
CA VAL B 196 -14.75 1.04 -14.41
C VAL B 196 -14.21 2.00 -15.45
N THR B 197 -13.58 3.09 -14.99
CA THR B 197 -12.95 4.03 -15.90
C THR B 197 -11.43 3.89 -15.76
N HIS B 198 -10.78 3.53 -16.87
CA HIS B 198 -9.34 3.48 -16.97
C HIS B 198 -8.88 4.36 -18.14
N GLU B 199 -7.97 5.29 -17.87
CA GLU B 199 -7.42 6.16 -18.91
C GLU B 199 -8.57 6.76 -19.74
N GLY B 200 -9.62 7.22 -19.06
CA GLY B 200 -10.73 7.91 -19.72
C GLY B 200 -11.74 7.00 -20.43
N SER B 201 -11.41 5.71 -20.59
CA SER B 201 -12.29 4.75 -21.25
C SER B 201 -13.05 3.94 -20.20
N THR B 202 -14.35 3.72 -20.44
CA THR B 202 -15.20 3.07 -19.46
C THR B 202 -15.57 1.65 -19.92
N VAL B 203 -15.49 0.70 -18.98
CA VAL B 203 -15.98 -0.65 -19.15
C VAL B 203 -17.06 -0.87 -18.09
N GLU B 204 -18.28 -1.18 -18.56
CA GLU B 204 -19.43 -1.34 -17.67
C GLU B 204 -19.92 -2.79 -17.71
N LYS B 205 -20.30 -3.29 -16.52
CA LYS B 205 -20.92 -4.59 -16.38
C LYS B 205 -22.20 -4.40 -15.57
N THR B 206 -23.26 -5.16 -15.91
CA THR B 206 -24.52 -5.06 -15.21
C THR B 206 -24.98 -6.44 -14.71
N VAL B 207 -25.68 -6.48 -13.58
CA VAL B 207 -26.25 -7.72 -13.07
C VAL B 207 -27.64 -7.35 -12.57
N ALA B 208 -28.53 -8.36 -12.44
CA ALA B 208 -29.93 -8.12 -12.11
C ALA B 208 -30.50 -9.22 -11.22
N PRO B 209 -31.48 -8.88 -10.35
CA PRO B 209 -32.05 -9.86 -9.41
C PRO B 209 -32.79 -10.90 -10.23
N THR B 210 -32.04 -11.78 -10.92
CA THR B 210 -32.63 -12.64 -11.94
C THR B 210 -32.21 -14.10 -11.72
C1 GOL C . 18.66 6.45 -9.67
O1 GOL C . 17.74 5.59 -10.36
C2 GOL C . 19.70 5.65 -8.91
O2 GOL C . 20.41 6.58 -8.08
C3 GOL C . 19.13 4.54 -8.04
O3 GOL C . 18.47 3.53 -8.82
#